data_2A5B
#
_entry.id   2A5B
#
_cell.length_a   70.019
_cell.length_b   79.487
_cell.length_c   42.909
_cell.angle_alpha   90.00
_cell.angle_beta   90.00
_cell.angle_gamma   90.00
#
_symmetry.space_group_name_H-M   'P 21 21 2'
#
loop_
_entity.id
_entity.type
_entity.pdbx_description
1 polymer Avidin
2 non-polymer 2-acetamido-2-deoxy-beta-D-glucopyranose
3 non-polymer "2'-DEOXY-8-OXOGUANOSINE"
4 water water
#
_entity_poly.entity_id   1
_entity_poly.type   'polypeptide(L)'
_entity_poly.pdbx_seq_one_letter_code
;ARKCSLTGKWTNDLGSNMTIGAVNSRGEFTGTYTTAVTATSNEIKESPLHGTENTINKRTQPTFGFTVNWKFSESTTVFT
GQCFIDRNGKEVLKTMWLLRSSVNDIGDDWKATRVGINIFTRLR
;
_entity_poly.pdbx_strand_id   A,B
#
# COMPACT_ATOMS: atom_id res chain seq x y z
N ALA A 1 10.30 -11.79 23.14
CA ALA A 1 11.57 -11.34 22.52
C ALA A 1 11.61 -11.64 21.03
N ARG A 2 10.95 -12.73 20.64
CA ARG A 2 10.98 -13.19 19.26
C ARG A 2 10.32 -12.21 18.30
N LYS A 3 11.09 -11.22 17.87
CA LYS A 3 10.69 -10.22 16.84
C LYS A 3 10.72 -10.83 15.42
N CYS A 4 9.55 -10.84 14.76
CA CYS A 4 9.35 -11.24 13.34
C CYS A 4 9.71 -9.96 12.65
N SER A 5 10.66 -10.05 11.72
CA SER A 5 11.28 -8.84 11.17
C SER A 5 11.27 -8.90 9.65
N LEU A 6 10.98 -7.79 9.02
CA LEU A 6 10.69 -7.81 7.63
C LEU A 6 11.96 -7.85 6.84
N THR A 7 13.08 -7.56 7.53
CA THR A 7 14.34 -7.32 6.81
C THR A 7 14.87 -8.65 6.31
N GLY A 8 15.31 -8.68 5.07
CA GLY A 8 15.75 -9.97 4.53
C GLY A 8 15.24 -10.30 3.13
N LYS A 9 15.36 -11.59 2.81
CA LYS A 9 15.04 -12.07 1.48
C LYS A 9 13.89 -13.07 1.58
N TRP A 10 12.81 -12.85 0.81
CA TRP A 10 11.59 -13.64 0.91
C TRP A 10 11.21 -14.13 -0.44
N THR A 11 10.48 -15.23 -0.42
CA THR A 11 9.93 -15.77 -1.65
C THR A 11 8.48 -16.16 -1.38
N ASN A 12 7.72 -16.44 -2.44
CA ASN A 12 6.33 -16.68 -2.26
C ASN A 12 5.74 -17.87 -2.96
N ASP A 13 4.44 -18.04 -2.73
CA ASP A 13 3.67 -19.15 -3.31
C ASP A 13 3.58 -19.14 -4.87
N LEU A 14 3.82 -17.99 -5.51
CA LEU A 14 3.90 -17.93 -7.00
C LEU A 14 5.36 -17.96 -7.50
N GLY A 15 6.34 -17.94 -6.59
CA GLY A 15 7.76 -17.97 -7.01
C GLY A 15 8.41 -16.61 -7.29
N SER A 16 7.69 -15.52 -6.99
CA SER A 16 8.31 -14.20 -6.93
C SER A 16 9.21 -14.09 -5.70
N ASN A 17 10.27 -13.28 -5.82
CA ASN A 17 11.14 -13.00 -4.69
C ASN A 17 11.07 -11.56 -4.28
N MET A 18 11.42 -11.28 -3.05
CA MET A 18 11.35 -9.90 -2.57
C MET A 18 12.47 -9.75 -1.57
N THR A 19 13.20 -8.62 -1.65
CA THR A 19 14.20 -8.22 -0.65
C THR A 19 13.81 -6.89 -0.05
N ILE A 20 13.86 -6.82 1.27
CA ILE A 20 13.56 -5.63 2.02
C ILE A 20 14.79 -5.35 2.89
N GLY A 21 15.20 -4.09 2.97
CA GLY A 21 16.33 -3.70 3.79
C GLY A 21 15.95 -3.43 5.25
N ALA A 22 16.65 -2.50 5.87
CA ALA A 22 16.48 -2.18 7.29
C ALA A 22 15.27 -1.31 7.54
N VAL A 23 14.56 -1.62 8.61
CA VAL A 23 13.43 -0.84 9.02
C VAL A 23 13.99 0.19 9.99
N ASN A 24 13.91 1.47 9.64
CA ASN A 24 14.30 2.56 10.53
C ASN A 24 13.36 2.70 11.72
N SER A 25 13.53 3.75 12.51
CA SER A 25 12.79 3.80 13.77
C SER A 25 11.38 4.35 13.59
N ARG A 26 11.08 5.01 12.46
CA ARG A 26 9.69 5.38 12.17
C ARG A 26 8.96 4.27 11.41
N GLY A 27 9.55 3.06 11.31
CA GLY A 27 8.93 1.93 10.55
C GLY A 27 9.11 1.85 9.03
N GLU A 28 9.74 2.85 8.41
CA GLU A 28 9.92 2.86 6.95
C GLU A 28 10.95 1.83 6.47
N PHE A 29 10.80 1.42 5.23
CA PHE A 29 11.68 0.44 4.61
C PHE A 29 11.47 0.44 3.12
N THR A 30 12.43 -0.11 2.41
CA THR A 30 12.48 -0.09 0.97
C THR A 30 12.93 -1.48 0.59
N GLY A 31 12.68 -1.89 -0.64
CA GLY A 31 13.01 -3.19 -1.07
C GLY A 31 12.98 -3.30 -2.57
N THR A 32 13.11 -4.52 -3.04
CA THR A 32 12.98 -4.85 -4.43
C THR A 32 12.09 -6.04 -4.53
N TYR A 33 11.37 -6.11 -5.66
CA TYR A 33 10.39 -7.16 -5.90
C TYR A 33 10.65 -7.74 -7.26
N THR A 34 10.92 -9.04 -7.31
CA THR A 34 11.33 -9.72 -8.50
C THR A 34 10.28 -10.77 -8.81
N THR A 35 9.85 -10.81 -10.06
CA THR A 35 8.60 -11.43 -10.39
C THR A 35 8.79 -12.32 -11.59
N ALA A 36 7.97 -13.38 -11.66
CA ALA A 36 8.08 -14.39 -12.70
C ALA A 36 7.10 -14.12 -13.82
N VAL A 37 7.59 -13.51 -14.90
CA VAL A 37 6.79 -13.29 -16.09
C VAL A 37 7.19 -14.31 -17.15
N THR A 38 6.58 -15.50 -17.09
CA THR A 38 6.83 -16.54 -18.08
C THR A 38 7.04 -17.91 -17.43
N ALA A 39 7.81 -18.77 -18.11
CA ALA A 39 8.04 -20.14 -17.64
C ALA A 39 8.59 -20.18 -16.21
N THR A 40 9.17 -19.07 -15.77
CA THR A 40 9.80 -19.00 -14.45
C THR A 40 11.21 -19.61 -14.50
N SER A 41 12.18 -18.79 -14.87
CA SER A 41 13.56 -19.24 -14.98
C SER A 41 14.34 -18.45 -16.02
N ASN A 42 13.62 -17.66 -16.82
CA ASN A 42 14.25 -16.87 -17.87
C ASN A 42 14.13 -15.37 -17.67
N GLU A 43 12.97 -14.82 -18.04
CA GLU A 43 12.77 -13.38 -17.95
C GLU A 43 12.35 -12.89 -16.57
N ILE A 44 13.27 -12.14 -15.96
CA ILE A 44 13.14 -11.53 -14.63
C ILE A 44 12.89 -9.99 -14.76
N LYS A 45 12.19 -9.37 -13.79
CA LYS A 45 12.16 -7.89 -13.61
C LYS A 45 12.21 -7.45 -12.12
N GLU A 46 12.92 -6.35 -11.84
CA GLU A 46 13.05 -5.81 -10.52
C GLU A 46 12.22 -4.55 -10.49
N SER A 47 11.43 -4.41 -9.44
CA SER A 47 10.71 -3.18 -9.19
C SER A 47 10.88 -2.75 -7.73
N PRO A 48 10.94 -1.46 -7.50
CA PRO A 48 11.11 -0.98 -6.16
C PRO A 48 9.84 -1.13 -5.33
N LEU A 49 10.04 -1.32 -4.03
CA LEU A 49 8.95 -1.22 -3.08
C LEU A 49 9.30 -0.25 -1.95
N HIS A 50 8.28 0.34 -1.32
CA HIS A 50 8.44 1.23 -0.22
C HIS A 50 7.25 0.98 0.73
N GLY A 51 7.49 0.87 2.02
CA GLY A 51 6.38 0.68 2.93
C GLY A 51 6.68 1.15 4.31
N THR A 52 5.79 0.83 5.23
CA THR A 52 6.02 1.09 6.63
C THR A 52 5.46 -0.07 7.38
N GLU A 53 6.12 -0.42 8.48
CA GLU A 53 5.50 -1.34 9.43
C GLU A 53 5.03 -0.56 10.65
N ASN A 54 3.93 -1.01 11.22
CA ASN A 54 3.31 -0.36 12.37
C ASN A 54 4.19 -0.58 13.62
N THR A 55 4.54 0.51 14.32
CA THR A 55 5.34 0.43 15.56
C THR A 55 4.56 0.61 16.90
N ILE A 56 3.24 0.84 16.79
CA ILE A 56 2.36 1.00 17.97
C ILE A 56 2.38 -0.26 18.90
N ASN A 57 2.92 -0.09 20.12
CA ASN A 57 3.15 -1.19 21.12
C ASN A 57 4.30 -2.17 20.75
N LYS A 58 5.32 -1.68 20.05
CA LYS A 58 6.50 -2.47 19.63
C LYS A 58 6.25 -3.99 19.49
N ARG A 59 5.17 -4.37 18.81
CA ARG A 59 4.81 -5.78 18.75
C ARG A 59 5.89 -6.73 18.18
N THR A 60 6.00 -7.90 18.78
CA THR A 60 6.40 -9.02 17.98
C THR A 60 5.21 -9.09 16.98
N GLN A 61 5.44 -9.50 15.73
CA GLN A 61 4.30 -9.68 14.79
C GLN A 61 3.56 -8.36 14.47
N PRO A 62 4.28 -7.33 14.03
CA PRO A 62 3.52 -6.16 13.67
C PRO A 62 2.86 -6.34 12.26
N THR A 63 1.86 -5.51 11.96
CA THR A 63 1.24 -5.42 10.66
C THR A 63 2.07 -4.48 9.82
N PHE A 64 1.92 -4.54 8.48
CA PHE A 64 2.70 -3.64 7.61
C PHE A 64 1.97 -3.43 6.26
N GLY A 65 2.44 -2.48 5.46
CA GLY A 65 1.86 -2.36 4.15
C GLY A 65 2.98 -1.87 3.27
N PHE A 66 2.91 -2.11 1.96
CA PHE A 66 3.90 -1.53 1.06
C PHE A 66 3.37 -1.47 -0.36
N THR A 67 3.96 -0.59 -1.16
CA THR A 67 3.57 -0.31 -2.50
C THR A 67 4.68 -0.74 -3.41
N VAL A 68 4.29 -1.51 -4.40
CA VAL A 68 5.16 -1.92 -5.42
C VAL A 68 4.79 -1.16 -6.69
N ASN A 69 5.80 -0.44 -7.13
CA ASN A 69 5.68 0.45 -8.24
C ASN A 69 6.23 -0.22 -9.51
N TRP A 70 5.40 -0.97 -10.19
CA TRP A 70 5.87 -1.77 -11.33
C TRP A 70 6.75 -1.01 -12.32
N LYS A 71 7.91 -1.58 -12.63
CA LYS A 71 8.80 -0.90 -13.57
C LYS A 71 8.51 -1.25 -15.01
N PHE A 72 7.70 -2.26 -15.22
CA PHE A 72 7.46 -2.73 -16.57
C PHE A 72 6.03 -2.51 -17.02
N SER A 73 5.24 -1.76 -16.26
CA SER A 73 3.83 -1.49 -16.58
C SER A 73 3.35 -0.19 -15.92
N GLU A 74 2.17 0.25 -16.27
CA GLU A 74 1.66 1.41 -15.65
C GLU A 74 0.91 1.04 -14.36
N SER A 75 0.94 -0.22 -13.93
CA SER A 75 0.21 -0.60 -12.70
C SER A 75 0.88 -0.32 -11.34
N THR A 76 0.10 -0.42 -10.28
CA THR A 76 0.64 -0.32 -8.93
C THR A 76 -0.04 -1.41 -8.16
N THR A 77 0.73 -2.10 -7.31
CA THR A 77 0.15 -3.05 -6.37
C THR A 77 0.49 -2.64 -4.96
N VAL A 78 -0.41 -2.88 -4.01
CA VAL A 78 -0.13 -2.60 -2.62
C VAL A 78 -0.41 -3.88 -1.89
N PHE A 79 0.39 -4.15 -0.86
CA PHE A 79 0.32 -5.37 -0.05
C PHE A 79 0.14 -4.94 1.37
N THR A 80 -0.66 -5.69 2.10
CA THR A 80 -0.69 -5.51 3.54
C THR A 80 -0.83 -6.84 4.18
N GLY A 81 -0.24 -7.00 5.35
CA GLY A 81 -0.38 -8.26 6.09
C GLY A 81 0.38 -8.17 7.39
N GLN A 82 0.83 -9.34 7.85
CA GLN A 82 1.41 -9.48 9.18
C GLN A 82 2.54 -10.52 9.14
N CYS A 83 3.61 -10.21 9.87
CA CYS A 83 4.78 -11.05 10.04
C CYS A 83 4.46 -11.95 11.21
N PHE A 84 4.12 -13.20 11.00
CA PHE A 84 3.97 -14.13 12.10
C PHE A 84 5.23 -14.99 12.37
N ILE A 85 5.57 -15.17 13.63
CA ILE A 85 6.45 -16.29 14.02
C ILE A 85 5.59 -17.49 14.45
N ASP A 86 5.25 -18.37 13.51
CA ASP A 86 4.54 -19.57 13.92
C ASP A 86 5.52 -20.36 14.78
N ARG A 87 5.11 -21.54 15.25
CA ARG A 87 5.97 -22.30 16.16
C ARG A 87 7.42 -22.17 15.72
N ASN A 88 7.98 -23.25 15.18
CA ASN A 88 9.35 -23.23 14.70
C ASN A 88 9.54 -24.29 13.62
N GLY A 89 8.95 -24.04 12.45
CA GLY A 89 8.25 -22.77 12.20
C GLY A 89 9.17 -21.63 11.74
N LYS A 90 9.21 -21.36 10.44
CA LYS A 90 9.91 -20.17 9.98
C LYS A 90 9.19 -18.88 10.46
N GLU A 91 9.73 -17.73 10.08
CA GLU A 91 8.91 -16.55 9.92
C GLU A 91 8.04 -16.78 8.68
N VAL A 92 6.89 -16.10 8.62
CA VAL A 92 5.97 -16.17 7.48
C VAL A 92 5.22 -14.84 7.44
N LEU A 93 5.18 -14.19 6.27
CA LEU A 93 4.33 -13.03 6.08
C LEU A 93 3.03 -13.46 5.35
N LYS A 94 1.89 -13.23 5.97
CA LYS A 94 0.61 -13.53 5.32
C LYS A 94 0.16 -12.20 4.76
N THR A 95 0.01 -12.08 3.44
CA THR A 95 -0.40 -10.80 2.91
C THR A 95 -1.67 -10.87 2.07
N MET A 96 -2.30 -9.70 1.92
CA MET A 96 -3.30 -9.47 0.88
C MET A 96 -2.88 -8.32 0.01
N TRP A 97 -3.27 -8.35 -1.26
CA TRP A 97 -2.84 -7.29 -2.14
C TRP A 97 -3.96 -6.73 -3.02
N LEU A 98 -3.84 -5.49 -3.49
CA LEU A 98 -4.74 -4.93 -4.49
C LEU A 98 -3.88 -4.50 -5.67
N LEU A 99 -4.19 -5.00 -6.87
CA LEU A 99 -3.41 -4.65 -8.05
C LEU A 99 -4.23 -3.68 -8.85
N ARG A 100 -3.80 -2.44 -8.96
CA ARG A 100 -4.51 -1.39 -9.71
C ARG A 100 -4.00 -1.29 -11.17
N SER A 101 -4.85 -1.48 -12.15
CA SER A 101 -4.38 -1.21 -13.49
C SER A 101 -4.74 0.23 -13.82
N SER A 102 -4.06 0.78 -14.81
CA SER A 102 -4.39 2.06 -15.37
C SER A 102 -5.51 1.91 -16.41
N VAL A 103 -6.55 2.70 -16.31
CA VAL A 103 -7.57 2.69 -17.33
C VAL A 103 -7.56 4.08 -17.99
N ASN A 104 -7.94 4.19 -19.25
CA ASN A 104 -7.86 5.49 -19.97
C ASN A 104 -9.03 6.41 -19.63
N ASP A 105 -10.15 5.79 -19.29
CA ASP A 105 -11.38 6.45 -19.13
C ASP A 105 -11.92 6.15 -17.72
N ILE A 106 -12.34 7.16 -16.99
CA ILE A 106 -12.88 6.96 -15.66
C ILE A 106 -14.10 6.06 -15.67
N GLY A 107 -14.65 5.77 -16.85
CA GLY A 107 -15.88 4.96 -17.00
C GLY A 107 -15.56 3.50 -16.86
N ASP A 108 -14.27 3.19 -17.03
CA ASP A 108 -13.71 1.88 -16.75
C ASP A 108 -13.12 1.66 -15.32
N ASP A 109 -12.98 2.69 -14.49
CA ASP A 109 -12.55 2.50 -13.07
C ASP A 109 -13.05 1.24 -12.37
N TRP A 110 -14.31 0.88 -12.58
CA TRP A 110 -14.91 -0.18 -11.78
C TRP A 110 -14.16 -1.50 -11.97
N LYS A 111 -13.46 -1.62 -13.09
CA LYS A 111 -12.90 -2.92 -13.41
C LYS A 111 -11.39 -2.94 -13.24
N ALA A 112 -10.85 -1.95 -12.58
CA ALA A 112 -9.41 -1.76 -12.62
C ALA A 112 -8.67 -2.36 -11.44
N THR A 113 -9.39 -2.94 -10.48
CA THR A 113 -8.72 -3.44 -9.30
C THR A 113 -8.83 -4.95 -9.07
N ARG A 114 -7.69 -5.67 -9.11
CA ARG A 114 -7.71 -7.08 -8.70
C ARG A 114 -7.31 -7.26 -7.25
N VAL A 115 -7.77 -8.33 -6.65
CA VAL A 115 -7.36 -8.65 -5.33
C VAL A 115 -6.81 -10.10 -5.25
N GLY A 116 -5.99 -10.39 -4.24
CA GLY A 116 -5.53 -11.77 -4.00
C GLY A 116 -4.64 -11.79 -2.77
N ILE A 117 -3.94 -12.90 -2.60
CA ILE A 117 -3.07 -13.09 -1.44
C ILE A 117 -1.64 -13.40 -1.87
N ASN A 118 -0.75 -13.28 -0.88
CA ASN A 118 0.56 -13.87 -0.97
C ASN A 118 1.06 -14.29 0.40
N ILE A 119 1.50 -15.52 0.50
CA ILE A 119 2.27 -16.00 1.62
C ILE A 119 3.80 -16.00 1.28
N PHE A 120 4.60 -15.33 2.10
CA PHE A 120 6.05 -15.25 1.88
C PHE A 120 6.85 -16.02 2.96
N THR A 121 7.81 -16.83 2.54
CA THR A 121 8.77 -17.45 3.49
C THR A 121 10.23 -16.96 3.30
N ARG A 122 11.08 -16.99 4.33
CA ARG A 122 12.51 -16.61 4.14
C ARG A 122 13.14 -17.43 3.02
N LEU A 123 13.90 -16.75 2.17
CA LEU A 123 14.50 -17.38 0.98
C LEU A 123 15.66 -18.24 1.39
N ARG A 124 15.78 -19.41 0.76
CA ARG A 124 16.89 -20.32 0.99
C ARG A 124 17.57 -20.66 -0.34
N ALA B 1 -0.40 21.90 -21.05
CA ALA B 1 -1.57 21.06 -20.68
C ALA B 1 -1.45 20.51 -19.26
N ARG B 2 -2.57 20.46 -18.55
CA ARG B 2 -2.61 19.95 -17.17
C ARG B 2 -2.93 18.43 -17.02
N LYS B 3 -2.29 17.85 -15.99
CA LYS B 3 -2.38 16.46 -15.62
C LYS B 3 -3.06 16.36 -14.26
N CYS B 4 -3.31 15.14 -13.79
CA CYS B 4 -3.87 14.90 -12.46
C CYS B 4 -2.73 14.66 -11.48
N SER B 5 -2.76 15.38 -10.38
CA SER B 5 -1.58 15.53 -9.56
C SER B 5 -1.90 15.25 -8.12
N LEU B 6 -1.16 14.35 -7.50
CA LEU B 6 -1.48 13.92 -6.15
C LEU B 6 -1.25 14.97 -5.12
N THR B 7 -0.38 15.92 -5.46
CA THR B 7 0.09 16.96 -4.54
C THR B 7 -1.04 17.90 -4.08
N GLY B 8 -1.30 17.94 -2.78
CA GLY B 8 -2.31 18.88 -2.32
C GLY B 8 -3.14 18.39 -1.18
N LYS B 9 -4.33 19.00 -1.02
CA LYS B 9 -5.19 18.72 0.12
C LYS B 9 -6.39 18.02 -0.46
N TRP B 10 -6.87 16.94 0.19
CA TRP B 10 -7.93 16.09 -0.36
C TRP B 10 -8.93 15.74 0.72
N THR B 11 -10.15 15.42 0.31
CA THR B 11 -11.15 15.00 1.29
C THR B 11 -11.92 13.86 0.72
N ASN B 12 -12.70 13.15 1.51
CA ASN B 12 -13.32 11.97 0.95
C ASN B 12 -14.75 11.73 1.37
N ASP B 13 -15.33 10.68 0.82
CA ASP B 13 -16.75 10.33 0.99
C ASP B 13 -17.15 9.97 2.46
N LEU B 14 -16.16 9.63 3.31
CA LEU B 14 -16.38 9.39 4.75
C LEU B 14 -16.13 10.65 5.65
N GLY B 15 -15.65 11.76 5.06
CA GLY B 15 -15.29 12.95 5.85
C GLY B 15 -13.83 13.03 6.34
N SER B 16 -12.99 12.04 5.96
CA SER B 16 -11.57 12.07 6.30
C SER B 16 -10.84 12.96 5.32
N ASN B 17 -9.77 13.61 5.77
CA ASN B 17 -9.01 14.48 4.90
C ASN B 17 -7.57 13.98 4.85
N MET B 18 -6.86 14.37 3.81
CA MET B 18 -5.57 13.84 3.54
C MET B 18 -4.80 14.95 2.84
N THR B 19 -3.55 15.15 3.24
CA THR B 19 -2.59 16.04 2.56
C THR B 19 -1.42 15.21 2.06
N ILE B 20 -1.02 15.46 0.83
CA ILE B 20 0.12 14.79 0.23
C ILE B 20 1.07 15.88 -0.20
N GLY B 21 2.36 15.67 -0.05
CA GLY B 21 3.37 16.68 -0.45
C GLY B 21 3.85 16.45 -1.87
N ALA B 22 5.06 16.92 -2.17
CA ALA B 22 5.58 16.91 -3.53
C ALA B 22 5.94 15.50 -3.85
N VAL B 23 5.93 15.21 -5.14
CA VAL B 23 6.19 13.90 -5.65
C VAL B 23 7.52 14.08 -6.33
N ASN B 24 8.55 13.42 -5.78
CA ASN B 24 9.90 13.48 -6.35
C ASN B 24 9.99 12.68 -7.65
N SER B 25 11.19 12.58 -8.21
CA SER B 25 11.38 12.08 -9.55
C SER B 25 11.30 10.55 -9.63
N ARG B 26 11.38 9.90 -8.47
CA ARG B 26 11.16 8.44 -8.33
C ARG B 26 9.69 8.07 -8.11
N GLY B 27 8.83 9.08 -8.09
CA GLY B 27 7.41 8.91 -7.73
C GLY B 27 7.09 8.82 -6.23
N GLU B 28 8.08 9.01 -5.37
CA GLU B 28 7.81 8.91 -3.94
C GLU B 28 7.13 10.13 -3.42
N PHE B 29 6.38 9.97 -2.33
CA PHE B 29 5.76 11.07 -1.64
C PHE B 29 5.37 10.66 -0.22
N THR B 30 5.08 11.69 0.57
CA THR B 30 4.77 11.56 1.99
C THR B 30 3.52 12.38 2.21
N GLY B 31 2.84 12.19 3.34
CA GLY B 31 1.78 13.10 3.69
C GLY B 31 1.16 12.68 4.99
N THR B 32 -0.07 13.11 5.16
CA THR B 32 -0.78 12.99 6.42
C THR B 32 -2.22 12.57 6.11
N TYR B 33 -2.81 11.80 7.02
CA TYR B 33 -4.19 11.37 6.86
C TYR B 33 -4.96 11.58 8.18
N THR B 34 -5.99 12.42 8.12
CA THR B 34 -6.78 12.77 9.29
C THR B 34 -8.13 12.14 9.20
N THR B 35 -8.53 11.50 10.28
CA THR B 35 -9.91 11.05 10.40
C THR B 35 -10.48 11.36 11.79
N ALA B 36 -11.67 10.86 12.07
CA ALA B 36 -12.34 11.26 13.30
C ALA B 36 -13.23 10.13 13.81
N VAL B 37 -13.66 10.28 15.07
CA VAL B 37 -14.47 9.26 15.77
C VAL B 37 -15.95 9.65 16.02
N THR B 38 -16.51 9.15 17.12
CA THR B 38 -17.90 9.39 17.56
C THR B 38 -18.85 9.83 16.44
N ALA B 39 -19.41 11.03 16.59
CA ALA B 39 -20.34 11.56 15.59
C ALA B 39 -19.59 12.47 14.61
N THR B 40 -18.34 12.12 14.33
CA THR B 40 -17.47 12.94 13.50
C THR B 40 -17.70 14.41 13.80
N SER B 41 -17.05 14.89 14.86
CA SER B 41 -17.29 16.26 15.32
C SER B 41 -16.14 16.91 16.10
N ASN B 42 -15.34 16.12 16.82
CA ASN B 42 -14.29 16.73 17.66
C ASN B 42 -12.85 16.14 17.64
N GLU B 43 -12.69 14.87 18.06
CA GLU B 43 -11.35 14.28 18.21
C GLU B 43 -10.75 13.84 16.86
N ILE B 44 -9.71 14.56 16.41
CA ILE B 44 -9.07 14.19 15.15
C ILE B 44 -7.67 13.61 15.30
N LYS B 45 -7.51 12.38 14.79
CA LYS B 45 -6.21 11.67 14.78
C LYS B 45 -5.47 11.95 13.47
N GLU B 46 -4.15 12.03 13.55
CA GLU B 46 -3.34 12.33 12.39
C GLU B 46 -2.35 11.18 12.23
N SER B 47 -2.17 10.66 11.00
CA SER B 47 -1.23 9.55 10.82
C SER B 47 -0.45 9.80 9.57
N PRO B 48 0.84 9.44 9.58
CA PRO B 48 1.56 9.70 8.34
C PRO B 48 1.29 8.61 7.27
N LEU B 49 1.46 9.02 6.01
CA LEU B 49 1.44 8.12 4.87
C LEU B 49 2.68 8.30 4.02
N HIS B 50 3.03 7.23 3.32
CA HIS B 50 4.09 7.19 2.35
C HIS B 50 3.64 6.33 1.19
N GLY B 51 3.94 6.77 -0.02
CA GLY B 51 3.59 5.97 -1.17
C GLY B 51 4.39 6.30 -2.39
N THR B 52 3.98 5.74 -3.51
CA THR B 52 4.60 6.08 -4.76
C THR B 52 3.53 6.07 -5.82
N GLU B 53 3.77 6.90 -6.81
CA GLU B 53 2.97 7.04 -7.99
C GLU B 53 3.78 6.45 -9.16
N ASN B 54 3.10 5.65 -9.97
CA ASN B 54 3.72 5.09 -11.13
C ASN B 54 4.11 6.17 -12.15
N THR B 55 5.37 6.10 -12.61
CA THR B 55 5.93 7.05 -13.57
C THR B 55 6.07 6.47 -15.02
N ILE B 56 5.91 5.16 -15.18
CA ILE B 56 5.98 4.51 -16.52
C ILE B 56 5.07 5.17 -17.60
N ASN B 57 5.71 5.82 -18.58
CA ASN B 57 5.04 6.55 -19.67
C ASN B 57 4.41 7.89 -19.24
N LYS B 58 5.00 8.52 -18.21
CA LYS B 58 4.62 9.84 -17.67
C LYS B 58 3.14 10.21 -17.83
N ARG B 59 2.25 9.23 -17.72
CA ARG B 59 0.78 9.40 -17.89
C ARG B 59 0.17 10.64 -17.18
N THR B 60 -0.96 11.13 -17.70
CA THR B 60 -1.58 12.31 -17.14
C THR B 60 -2.51 11.92 -15.97
N GLN B 61 -2.81 10.63 -15.90
CA GLN B 61 -3.70 10.12 -14.90
C GLN B 61 -3.05 8.87 -14.30
N PRO B 62 -2.08 9.07 -13.39
CA PRO B 62 -1.17 8.01 -12.98
C PRO B 62 -1.86 7.13 -11.93
N THR B 63 -1.53 5.83 -11.86
CA THR B 63 -1.92 5.02 -10.73
C THR B 63 -0.89 5.25 -9.61
N PHE B 64 -1.23 4.79 -8.41
CA PHE B 64 -0.42 5.07 -7.20
C PHE B 64 -0.88 4.16 -6.09
N GLY B 65 -0.09 4.05 -5.04
CA GLY B 65 -0.44 3.26 -3.88
C GLY B 65 0.23 3.91 -2.67
N PHE B 66 -0.38 3.85 -1.48
CA PHE B 66 0.23 4.36 -0.31
C PHE B 66 -0.20 3.62 0.87
N THR B 67 0.55 3.79 1.96
CA THR B 67 0.38 3.00 3.17
C THR B 67 0.17 3.95 4.31
N VAL B 68 -0.84 3.67 5.09
CA VAL B 68 -1.11 4.51 6.19
C VAL B 68 -0.85 3.69 7.42
N ASN B 69 0.01 4.29 8.20
CA ASN B 69 0.58 3.67 9.32
C ASN B 69 -0.18 4.16 10.58
N TRP B 70 -1.29 3.54 10.97
CA TRP B 70 -2.15 4.26 11.96
C TRP B 70 -1.44 4.63 13.27
N LYS B 71 -1.62 5.90 13.67
CA LYS B 71 -0.97 6.46 14.87
C LYS B 71 -1.67 5.90 16.12
N PHE B 72 -2.97 5.61 15.99
CA PHE B 72 -3.82 5.32 17.13
C PHE B 72 -4.20 3.85 17.24
N SER B 73 -3.64 2.99 16.40
CA SER B 73 -3.86 1.55 16.56
C SER B 73 -2.69 0.68 16.06
N GLU B 74 -2.83 -0.62 16.22
CA GLU B 74 -1.86 -1.53 15.67
C GLU B 74 -2.10 -1.81 14.16
N SER B 75 -3.01 -1.07 13.50
CA SER B 75 -3.43 -1.44 12.17
C SER B 75 -2.69 -0.74 11.08
N THR B 76 -2.79 -1.25 9.85
CA THR B 76 -2.16 -0.63 8.67
C THR B 76 -3.22 -0.63 7.60
N THR B 77 -3.30 0.45 6.84
CA THR B 77 -4.18 0.45 5.66
C THR B 77 -3.35 0.76 4.40
N VAL B 78 -3.63 0.07 3.30
CA VAL B 78 -3.00 0.44 2.04
C VAL B 78 -4.09 0.91 1.09
N PHE B 79 -3.80 1.95 0.33
CA PHE B 79 -4.72 2.47 -0.71
C PHE B 79 -4.07 2.35 -2.03
N THR B 80 -4.84 1.99 -3.05
CA THR B 80 -4.30 2.12 -4.40
C THR B 80 -5.43 2.61 -5.29
N GLY B 81 -5.08 3.41 -6.29
CA GLY B 81 -6.06 3.88 -7.24
C GLY B 81 -5.41 4.72 -8.27
N GLN B 82 -6.20 5.65 -8.83
CA GLN B 82 -5.80 6.40 -9.99
C GLN B 82 -6.35 7.80 -9.86
N CYS B 83 -5.59 8.75 -10.37
CA CYS B 83 -5.86 10.14 -10.31
C CYS B 83 -6.46 10.48 -11.64
N PHE B 84 -7.76 10.76 -11.65
CA PHE B 84 -8.43 11.07 -12.90
C PHE B 84 -8.76 12.53 -12.99
N ILE B 85 -8.79 13.02 -14.24
CA ILE B 85 -9.64 14.14 -14.64
C ILE B 85 -11.01 13.59 -14.94
N ASP B 86 -11.94 13.83 -14.02
CA ASP B 86 -13.34 13.49 -14.25
C ASP B 86 -14.01 14.17 -15.48
N ARG B 87 -15.20 13.70 -15.85
CA ARG B 87 -15.98 14.24 -16.96
C ARG B 87 -16.37 15.74 -16.76
N ASN B 88 -16.54 16.13 -15.50
CA ASN B 88 -16.83 17.51 -15.18
C ASN B 88 -15.56 18.37 -15.02
N GLY B 89 -14.40 17.79 -15.27
CA GLY B 89 -13.17 18.55 -15.35
C GLY B 89 -12.35 18.56 -14.08
N LYS B 90 -12.97 18.14 -12.94
CA LYS B 90 -12.37 18.17 -11.58
C LYS B 90 -11.51 16.96 -11.31
N GLU B 91 -10.41 17.15 -10.58
CA GLU B 91 -9.54 16.02 -10.19
C GLU B 91 -10.27 15.15 -9.19
N VAL B 92 -10.10 13.84 -9.30
CA VAL B 92 -10.68 12.88 -8.37
C VAL B 92 -9.70 11.75 -8.28
N LEU B 93 -9.45 11.26 -7.07
CA LEU B 93 -8.72 10.02 -6.87
C LEU B 93 -9.75 8.94 -6.54
N LYS B 94 -9.82 7.89 -7.37
CA LYS B 94 -10.67 6.75 -7.05
C LYS B 94 -9.77 5.70 -6.44
N THR B 95 -10.03 5.29 -5.19
CA THR B 95 -9.13 4.33 -4.57
C THR B 95 -9.87 3.14 -4.05
N MET B 96 -9.13 2.08 -3.78
CA MET B 96 -9.61 0.98 -2.99
C MET B 96 -8.56 0.75 -1.96
N TRP B 97 -9.00 0.23 -0.82
CA TRP B 97 -8.10 0.04 0.29
C TRP B 97 -8.24 -1.31 0.92
N LEU B 98 -7.14 -1.79 1.55
CA LEU B 98 -7.17 -3.00 2.42
C LEU B 98 -6.75 -2.58 3.83
N LEU B 99 -7.59 -2.83 4.83
CA LEU B 99 -7.29 -2.44 6.22
C LEU B 99 -6.92 -3.73 6.92
N ARG B 100 -5.64 -3.91 7.29
CA ARG B 100 -5.20 -5.11 8.05
C ARG B 100 -5.21 -4.84 9.56
N SER B 101 -5.88 -5.68 10.32
CA SER B 101 -5.87 -5.60 11.77
C SER B 101 -4.76 -6.51 12.22
N SER B 102 -4.25 -6.27 13.44
CA SER B 102 -3.33 -7.17 14.08
C SER B 102 -4.09 -8.30 14.72
N VAL B 103 -3.70 -9.55 14.46
CA VAL B 103 -4.26 -10.64 15.25
C VAL B 103 -3.16 -11.25 16.13
N ASN B 104 -3.49 -12.21 17.00
CA ASN B 104 -2.51 -12.76 17.95
C ASN B 104 -2.05 -14.11 17.48
N ASP B 105 -2.99 -15.01 17.21
CA ASP B 105 -2.67 -16.27 16.50
C ASP B 105 -2.82 -16.26 14.95
N ILE B 106 -1.85 -16.86 14.26
CA ILE B 106 -1.89 -17.06 12.82
C ILE B 106 -3.16 -17.80 12.35
N GLY B 107 -3.94 -18.33 13.30
CA GLY B 107 -5.17 -19.07 12.97
C GLY B 107 -6.34 -18.11 12.74
N ASP B 108 -6.16 -16.91 13.24
CA ASP B 108 -7.10 -15.81 13.03
C ASP B 108 -6.73 -14.93 11.84
N ASP B 109 -5.60 -15.20 11.18
CA ASP B 109 -5.23 -14.47 9.94
C ASP B 109 -6.45 -14.29 8.99
N TRP B 110 -7.23 -15.35 8.81
CA TRP B 110 -8.29 -15.38 7.82
C TRP B 110 -9.21 -14.14 7.94
N LYS B 111 -9.30 -13.52 9.12
CA LYS B 111 -10.35 -12.57 9.31
C LYS B 111 -9.78 -11.24 9.58
N ALA B 112 -8.49 -11.08 9.24
CA ALA B 112 -7.79 -9.81 9.59
C ALA B 112 -7.90 -8.73 8.54
N THR B 113 -8.41 -9.07 7.37
CA THR B 113 -8.43 -8.07 6.30
C THR B 113 -9.84 -7.56 5.86
N ARG B 114 -10.11 -6.26 6.10
CA ARG B 114 -11.24 -5.52 5.45
C ARG B 114 -10.85 -4.85 4.13
N VAL B 115 -11.84 -4.69 3.22
CA VAL B 115 -11.67 -4.05 1.91
C VAL B 115 -12.77 -3.03 1.74
N GLY B 116 -12.53 -1.98 0.96
CA GLY B 116 -13.55 -1.01 0.61
C GLY B 116 -12.94 0.05 -0.29
N ILE B 117 -13.58 1.23 -0.39
CA ILE B 117 -13.17 2.24 -1.36
C ILE B 117 -13.12 3.59 -0.69
N ASN B 118 -12.43 4.52 -1.34
CA ASN B 118 -12.62 5.91 -1.06
C ASN B 118 -12.38 6.68 -2.34
N ILE B 119 -13.11 7.78 -2.45
CA ILE B 119 -13.12 8.69 -3.55
C ILE B 119 -12.71 9.98 -2.93
N PHE B 120 -11.63 10.58 -3.43
CA PHE B 120 -11.10 11.82 -2.89
C PHE B 120 -11.32 12.95 -3.85
N THR B 121 -11.77 14.11 -3.37
CA THR B 121 -11.77 15.35 -4.20
C THR B 121 -10.92 16.49 -3.54
N ARG B 122 -10.46 17.46 -4.32
CA ARG B 122 -9.68 18.55 -3.71
C ARG B 122 -10.48 19.37 -2.68
N LEU B 123 -9.80 19.88 -1.64
CA LEU B 123 -10.43 20.79 -0.68
C LEU B 123 -10.34 22.22 -1.21
N ARG B 124 -11.25 23.11 -0.79
CA ARG B 124 -11.20 24.55 -1.18
C ARG B 124 -9.87 25.32 -0.84
#